data_3L3G
#
_entry.id   3L3G
#
_cell.length_a   50.732
_cell.length_b   81.833
_cell.length_c   110.000
_cell.angle_alpha   90.00
_cell.angle_beta   90.00
_cell.angle_gamma   90.00
#
_symmetry.space_group_name_H-M   'P 21 21 21'
#
loop_
_entity.id
_entity.type
_entity.pdbx_description
1 polymer 'HLA class I histocompatibility antigen, B-44 alpha chain'
2 polymer Beta-2-microglobulin
3 polymer 'peptide from HLA-DPA1 protein'
4 non-polymer 'ACETATE ION'
5 non-polymer GLYCEROL
6 water water
#
loop_
_entity_poly.entity_id
_entity_poly.type
_entity_poly.pdbx_seq_one_letter_code
_entity_poly.pdbx_strand_id
1 'polypeptide(L)'
;GSHSMRYFYTAMSRPGRGEPRFITVGYVDDTLFVRFDSDATSPRKEPRAPWIEQEGPEYWDRETQISKTNTQTYRENLRT
ALRYYNQSEAGSHIIQRMYGCDVGPDGRLLRGYDQDAYDGKDYIALNEDLSSWTAADTAAQITQRKWEAARVAEQDRAYL
EGLCVESLRRYLENGKETLQRADPPKTHVTHHPISDHEVTLRCWALGFYPAEITLTWQRDGEDQTQDTELVETRPAGDRT
FQKWAAVVVPSGEEQRYTCHVQHEGLPKPLTLRWEP
;
A
2 'polypeptide(L)'
;IQRTPKIQVYSRHPAENGKSNFLNCYVSGFHPSDIEVDLLKNGERIEKVEHSDLSFSKDWSFYLLYYTEFTPTEKDEYAC
RVNHVTLSQPKIVKWDRDM
;
B
3 'polypeptide(L)' EEFGAAFSF C
#
# COMPACT_ATOMS: atom_id res chain seq x y z
N GLY A 1 12.71 10.78 -12.71
CA GLY A 1 14.14 10.40 -12.52
C GLY A 1 14.36 9.24 -11.55
N SER A 2 14.04 9.47 -10.28
CA SER A 2 14.27 8.50 -9.20
C SER A 2 13.20 7.37 -9.17
N HIS A 3 13.62 6.14 -8.89
CA HIS A 3 12.71 4.99 -8.87
C HIS A 3 13.02 3.98 -7.79
N SER A 4 12.02 3.18 -7.41
CA SER A 4 12.18 2.15 -6.39
C SER A 4 11.66 0.81 -6.84
N MET A 5 12.22 -0.25 -6.26
CA MET A 5 11.65 -1.59 -6.37
C MET A 5 11.59 -2.16 -4.97
N ARG A 6 10.45 -2.76 -4.63
CA ARG A 6 10.29 -3.34 -3.31
C ARG A 6 9.58 -4.65 -3.43
N TYR A 7 10.00 -5.61 -2.61
CA TYR A 7 9.26 -6.83 -2.40
C TYR A 7 8.75 -6.84 -0.97
N PHE A 8 7.53 -7.31 -0.79
CA PHE A 8 6.87 -7.31 0.51
C PHE A 8 6.42 -8.73 0.86
N TYR A 9 6.91 -9.26 1.97
CA TYR A 9 6.53 -10.58 2.45
C TYR A 9 5.60 -10.39 3.62
N THR A 10 4.52 -11.17 3.64
CA THR A 10 3.71 -11.35 4.85
C THR A 10 3.65 -12.85 5.15
N ALA A 11 3.98 -13.22 6.37
CA ALA A 11 3.95 -14.63 6.80
C ALA A 11 3.13 -14.71 8.07
N MET A 12 2.01 -15.42 7.99
CA MET A 12 1.00 -15.42 9.05
C MET A 12 0.72 -16.83 9.54
N SER A 13 1.02 -17.09 10.82
CA SER A 13 0.67 -18.38 11.42
C SER A 13 -0.82 -18.43 11.76
N ARG A 14 -1.38 -19.64 11.72
CA ARG A 14 -2.82 -19.81 11.94
C ARG A 14 -3.03 -21.21 12.52
N PRO A 15 -2.64 -21.41 13.80
CA PRO A 15 -2.67 -22.74 14.40
C PRO A 15 -4.06 -23.39 14.30
N GLY A 16 -4.08 -24.62 13.80
CA GLY A 16 -5.32 -25.36 13.63
C GLY A 16 -5.92 -25.20 12.25
N ARG A 17 -5.31 -24.31 11.45
CA ARG A 17 -5.80 -24.03 10.10
C ARG A 17 -4.71 -24.17 9.05
N GLY A 18 -3.82 -25.12 9.31
CA GLY A 18 -2.74 -25.46 8.40
C GLY A 18 -1.50 -24.63 8.67
N GLU A 19 -0.58 -24.70 7.73
CA GLU A 19 0.71 -24.08 7.85
C GLU A 19 0.61 -22.59 7.56
N PRO A 20 1.58 -21.79 8.08
CA PRO A 20 1.51 -20.36 7.86
C PRO A 20 1.37 -19.99 6.38
N ARG A 21 0.44 -19.07 6.12
CA ARG A 21 0.26 -18.48 4.81
C ARG A 21 1.42 -17.52 4.55
N PHE A 22 2.00 -17.60 3.34
CA PHE A 22 3.07 -16.72 2.89
C PHE A 22 2.64 -16.03 1.57
N ILE A 23 2.62 -14.70 1.61
CA ILE A 23 2.27 -13.85 0.46
C ILE A 23 3.41 -12.87 0.16
N THR A 24 3.80 -12.81 -1.13
CA THR A 24 4.79 -11.86 -1.60
C THR A 24 4.14 -11.00 -2.66
N VAL A 25 4.41 -9.69 -2.60
CA VAL A 25 4.07 -8.80 -3.71
C VAL A 25 5.29 -7.93 -4.04
N GLY A 26 5.45 -7.62 -5.31
CA GLY A 26 6.56 -6.78 -5.74
C GLY A 26 6.03 -5.55 -6.43
N TYR A 27 6.70 -4.42 -6.21
CA TYR A 27 6.31 -3.12 -6.77
C TYR A 27 7.52 -2.49 -7.43
N VAL A 28 7.28 -1.80 -8.55
CA VAL A 28 8.21 -0.76 -8.97
C VAL A 28 7.41 0.51 -8.75
N ASP A 29 7.99 1.44 -7.97
CA ASP A 29 7.27 2.64 -7.56
C ASP A 29 5.91 2.23 -6.98
N ASP A 30 4.80 2.78 -7.50
CA ASP A 30 3.45 2.47 -7.02
C ASP A 30 2.68 1.51 -7.93
N THR A 31 3.42 0.75 -8.73
CA THR A 31 2.85 -0.19 -9.67
C THR A 31 3.15 -1.61 -9.18
N LEU A 32 2.10 -2.36 -8.86
CA LEU A 32 2.27 -3.77 -8.48
C LEU A 32 2.67 -4.56 -9.73
N PHE A 33 3.67 -5.42 -9.66
CA PHE A 33 4.09 -6.16 -10.87
C PHE A 33 4.13 -7.70 -10.77
N VAL A 34 4.32 -8.23 -9.56
CA VAL A 34 4.28 -9.68 -9.31
C VAL A 34 3.57 -10.01 -8.00
N ARG A 35 3.02 -11.22 -7.92
CA ARG A 35 2.37 -11.72 -6.71
C ARG A 35 2.68 -13.21 -6.55
N PHE A 36 2.71 -13.66 -5.28
CA PHE A 36 2.78 -15.07 -4.90
C PHE A 36 1.95 -15.27 -3.63
N ASP A 37 1.14 -16.34 -3.60
CA ASP A 37 0.31 -16.68 -2.46
C ASP A 37 0.39 -18.19 -2.25
N SER A 38 0.92 -18.59 -1.09
CA SER A 38 1.06 -20.01 -0.79
C SER A 38 -0.29 -20.73 -0.70
N ASP A 39 -1.38 -19.97 -0.56
CA ASP A 39 -2.73 -20.55 -0.55
C ASP A 39 -3.35 -20.67 -1.95
N ALA A 40 -2.64 -20.24 -2.98
CA ALA A 40 -3.15 -20.37 -4.35
C ALA A 40 -3.29 -21.84 -4.74
N THR A 41 -4.18 -22.12 -5.68
CA THR A 41 -4.40 -23.50 -6.11
C THR A 41 -3.11 -24.16 -6.59
N SER A 42 -2.36 -23.45 -7.42
CA SER A 42 -1.05 -23.92 -7.84
C SER A 42 0.00 -22.79 -7.66
N PRO A 43 0.51 -22.61 -6.42
CA PRO A 43 1.31 -21.43 -6.05
C PRO A 43 2.47 -21.18 -6.99
N ARG A 44 2.48 -19.98 -7.58
CA ARG A 44 3.59 -19.54 -8.43
C ARG A 44 3.64 -18.02 -8.46
N LYS A 45 4.81 -17.46 -8.80
CA LYS A 45 4.88 -16.03 -9.14
C LYS A 45 4.04 -15.78 -10.39
N GLU A 46 3.19 -14.75 -10.33
CA GLU A 46 2.29 -14.38 -11.44
C GLU A 46 2.46 -12.91 -11.82
N PRO A 47 2.49 -12.62 -13.13
CA PRO A 47 2.52 -11.24 -13.64
C PRO A 47 1.32 -10.41 -13.16
N ARG A 48 1.57 -9.18 -12.75
CA ARG A 48 0.52 -8.24 -12.38
C ARG A 48 0.60 -6.93 -13.18
N ALA A 49 1.58 -6.85 -14.07
CA ALA A 49 1.70 -5.70 -14.98
C ALA A 49 2.16 -6.23 -16.33
N PRO A 50 1.69 -5.60 -17.44
CA PRO A 50 1.99 -6.16 -18.77
C PRO A 50 3.47 -6.25 -19.15
N TRP A 51 4.27 -5.28 -18.70
CA TRP A 51 5.69 -5.24 -19.04
C TRP A 51 6.55 -6.37 -18.43
N ILE A 52 6.07 -7.00 -17.34
CA ILE A 52 6.78 -8.14 -16.74
C ILE A 52 6.48 -9.44 -17.48
N GLU A 53 5.47 -9.41 -18.35
CA GLU A 53 5.10 -10.57 -19.16
C GLU A 53 6.16 -10.93 -20.19
N GLN A 54 7.00 -9.98 -20.54
CA GLN A 54 8.13 -10.20 -21.45
C GLN A 54 9.15 -11.20 -20.92
N GLU A 55 9.17 -11.41 -19.60
CA GLU A 55 10.17 -12.29 -18.99
C GLU A 55 9.91 -13.75 -19.39
N GLY A 56 10.98 -14.49 -19.68
CA GLY A 56 10.85 -15.86 -20.17
C GLY A 56 10.52 -16.87 -19.09
N PRO A 57 10.35 -18.15 -19.49
CA PRO A 57 10.04 -19.24 -18.56
C PRO A 57 11.07 -19.40 -17.42
N GLU A 58 12.35 -19.20 -17.74
CA GLU A 58 13.42 -19.37 -16.76
C GLU A 58 13.21 -18.38 -15.60
N TYR A 59 12.78 -17.17 -15.93
CA TYR A 59 12.48 -16.15 -14.96
C TYR A 59 11.38 -16.59 -14.00
N TRP A 60 10.26 -17.03 -14.56
CA TRP A 60 9.11 -17.43 -13.75
C TRP A 60 9.37 -18.64 -12.88
N ASP A 61 10.13 -19.61 -13.39
CA ASP A 61 10.54 -20.75 -12.57
C ASP A 61 11.46 -20.35 -11.41
N ARG A 62 12.50 -19.56 -11.71
CA ARG A 62 13.44 -19.11 -10.69
C ARG A 62 12.71 -18.34 -9.57
N GLU A 63 11.91 -17.36 -9.96
CA GLU A 63 11.09 -16.55 -9.03
C GLU A 63 10.12 -17.38 -8.16
N THR A 64 9.47 -18.36 -8.79
CA THR A 64 8.58 -19.27 -8.07
C THR A 64 9.34 -20.12 -7.04
N GLN A 65 10.53 -20.60 -7.41
CA GLN A 65 11.34 -21.41 -6.49
C GLN A 65 11.83 -20.62 -5.27
N ILE A 66 12.27 -19.37 -5.50
CA ILE A 66 12.62 -18.43 -4.43
C ILE A 66 11.43 -18.28 -3.46
N SER A 67 10.25 -18.01 -4.00
CA SER A 67 9.03 -17.89 -3.18
C SER A 67 8.69 -19.17 -2.40
N LYS A 68 8.78 -20.32 -3.06
CA LYS A 68 8.55 -21.62 -2.40
C LYS A 68 9.57 -21.88 -1.28
N THR A 69 10.84 -21.60 -1.55
CA THR A 69 11.92 -21.73 -0.57
C THR A 69 11.72 -20.75 0.59
N ASN A 70 11.31 -19.52 0.28
CA ASN A 70 11.09 -18.53 1.32
C ASN A 70 9.86 -18.75 2.16
N THR A 71 8.86 -19.43 1.58
CA THR A 71 7.72 -19.88 2.36
C THR A 71 8.21 -20.77 3.54
N GLN A 72 9.08 -21.73 3.24
CA GLN A 72 9.65 -22.58 4.30
C GLN A 72 10.46 -21.78 5.29
N THR A 73 11.38 -20.96 4.80
CA THR A 73 12.24 -20.15 5.67
C THR A 73 11.43 -19.26 6.64
N TYR A 74 10.39 -18.60 6.11
CA TYR A 74 9.58 -17.73 6.95
C TYR A 74 8.65 -18.50 7.93
N ARG A 75 8.35 -19.75 7.61
CA ARG A 75 7.66 -20.67 8.54
C ARG A 75 8.55 -21.06 9.73
N GLU A 76 9.84 -21.24 9.46
CA GLU A 76 10.84 -21.50 10.50
C GLU A 76 11.05 -20.25 11.35
N ASN A 77 11.14 -19.10 10.68
CA ASN A 77 11.28 -17.82 11.39
C ASN A 77 10.15 -17.61 12.41
N LEU A 78 8.93 -17.99 12.04
CA LEU A 78 7.79 -17.87 12.95
C LEU A 78 7.95 -18.77 14.19
N ARG A 79 8.44 -20.00 13.97
CA ARG A 79 8.73 -20.94 15.06
C ARG A 79 9.85 -20.42 15.96
N THR A 80 10.92 -19.95 15.35
CA THR A 80 12.00 -19.32 16.08
C THR A 80 11.49 -18.13 16.88
N ALA A 81 10.70 -17.26 16.24
CA ALA A 81 10.16 -16.08 16.94
C ALA A 81 9.41 -16.43 18.22
N LEU A 82 8.59 -17.49 18.17
CA LEU A 82 7.88 -17.99 19.35
C LEU A 82 8.80 -18.26 20.51
N ARG A 83 9.95 -18.86 20.21
CA ARG A 83 10.93 -19.19 21.22
C ARG A 83 11.60 -17.95 21.77
N TYR A 84 11.98 -17.03 20.88
CA TYR A 84 12.61 -15.77 21.26
C TYR A 84 11.74 -14.92 22.21
N TYR A 85 10.43 -15.03 22.09
CA TYR A 85 9.53 -14.23 22.94
C TYR A 85 8.77 -15.07 23.97
N ASN A 86 9.19 -16.31 24.15
CA ASN A 86 8.56 -17.25 25.10
C ASN A 86 7.04 -17.36 24.86
N GLN A 87 6.64 -17.50 23.60
CA GLN A 87 5.20 -17.55 23.25
C GLN A 87 4.72 -18.99 22.96
N SER A 88 3.44 -19.26 23.17
CA SER A 88 2.90 -20.58 22.89
C SER A 88 2.58 -20.79 21.41
N GLU A 89 2.44 -22.05 21.03
CA GLU A 89 2.17 -22.42 19.65
C GLU A 89 0.69 -22.28 19.29
N ALA A 90 -0.11 -21.76 20.21
CA ALA A 90 -1.55 -21.68 20.01
C ALA A 90 -2.00 -20.32 19.47
N GLY A 91 -1.09 -19.34 19.50
CA GLY A 91 -1.40 -18.00 19.00
C GLY A 91 -1.07 -17.80 17.53
N SER A 92 -1.73 -16.85 16.89
CA SER A 92 -1.45 -16.46 15.50
C SER A 92 -0.46 -15.28 15.50
N HIS A 93 0.59 -15.35 14.70
CA HIS A 93 1.58 -14.27 14.63
C HIS A 93 1.93 -13.91 13.20
N ILE A 94 2.61 -12.77 13.01
CA ILE A 94 2.93 -12.27 11.67
C ILE A 94 4.36 -11.75 11.60
N ILE A 95 5.11 -12.25 10.64
CA ILE A 95 6.37 -11.64 10.25
C ILE A 95 6.17 -10.98 8.89
N GLN A 96 6.69 -9.77 8.76
CA GLN A 96 6.67 -9.05 7.49
C GLN A 96 8.07 -8.72 7.12
N ARG A 97 8.32 -8.64 5.82
CA ARG A 97 9.60 -8.18 5.33
C ARG A 97 9.38 -7.20 4.18
N MET A 98 10.18 -6.13 4.18
CA MET A 98 10.29 -5.23 3.02
CA MET A 98 10.29 -5.27 3.00
C MET A 98 11.77 -5.07 2.70
N TYR A 99 12.13 -5.30 1.44
CA TYR A 99 13.51 -5.12 0.98
C TYR A 99 13.53 -4.63 -0.46
N GLY A 100 14.66 -4.04 -0.88
CA GLY A 100 14.77 -3.50 -2.24
C GLY A 100 15.70 -2.32 -2.38
N CYS A 101 15.58 -1.62 -3.50
CA CYS A 101 16.52 -0.57 -3.86
C CYS A 101 15.82 0.64 -4.49
N ASP A 102 16.39 1.82 -4.24
CA ASP A 102 16.09 3.04 -4.97
C ASP A 102 17.26 3.31 -5.92
N VAL A 103 16.93 3.82 -7.10
CA VAL A 103 17.92 4.32 -8.05
C VAL A 103 17.62 5.78 -8.40
N GLY A 104 18.65 6.56 -8.68
CA GLY A 104 18.45 7.94 -9.18
C GLY A 104 18.34 7.96 -10.70
N PRO A 105 18.29 9.17 -11.31
CA PRO A 105 18.15 9.34 -12.77
C PRO A 105 19.12 8.52 -13.64
N ASP A 106 20.38 8.49 -13.24
CA ASP A 106 21.43 7.72 -13.93
C ASP A 106 21.30 6.19 -13.77
N GLY A 107 20.37 5.78 -12.91
CA GLY A 107 20.14 4.36 -12.65
C GLY A 107 21.04 3.71 -11.60
N ARG A 108 21.86 4.50 -10.92
CA ARG A 108 22.74 3.95 -9.86
C ARG A 108 22.03 3.84 -8.51
N LEU A 109 22.53 2.94 -7.66
CA LEU A 109 21.95 2.77 -6.31
C LEU A 109 21.93 4.08 -5.52
N LEU A 110 20.75 4.49 -5.05
CA LEU A 110 20.63 5.58 -4.09
C LEU A 110 20.64 5.01 -2.67
N ARG A 111 19.89 3.92 -2.47
CA ARG A 111 19.97 3.18 -1.22
C ARG A 111 19.25 1.82 -1.25
N GLY A 112 19.69 0.92 -0.39
CA GLY A 112 19.12 -0.42 -0.28
C GLY A 112 18.40 -0.60 1.05
N TYR A 113 17.49 -1.56 1.10
CA TYR A 113 16.67 -1.84 2.28
C TYR A 113 16.51 -3.33 2.46
N ASP A 114 16.43 -3.76 3.72
CA ASP A 114 16.05 -5.13 4.08
C ASP A 114 15.67 -5.10 5.54
N GLN A 115 14.37 -5.10 5.81
CA GLN A 115 13.91 -5.02 7.19
C GLN A 115 12.72 -5.91 7.48
N ASP A 116 12.58 -6.29 8.75
CA ASP A 116 11.56 -7.24 9.17
C ASP A 116 10.81 -6.70 10.37
N ALA A 117 9.57 -7.17 10.50
CA ALA A 117 8.73 -6.81 11.60
C ALA A 117 8.16 -8.11 12.16
N TYR A 118 7.80 -8.08 13.44
CA TYR A 118 7.14 -9.19 14.08
C TYR A 118 5.91 -8.66 14.80
N ASP A 119 4.75 -9.20 14.45
CA ASP A 119 3.48 -8.69 14.97
C ASP A 119 3.36 -7.16 14.84
N GLY A 120 3.76 -6.63 13.70
CA GLY A 120 3.54 -5.21 13.39
C GLY A 120 4.55 -4.26 14.03
N LYS A 121 5.56 -4.82 14.67
CA LYS A 121 6.61 -4.03 15.30
C LYS A 121 7.95 -4.27 14.64
N ASP A 122 8.72 -3.20 14.48
CA ASP A 122 10.11 -3.30 14.03
C ASP A 122 10.84 -4.42 14.76
N TYR A 123 11.50 -5.29 14.01
CA TYR A 123 12.27 -6.39 14.56
C TYR A 123 13.75 -6.17 14.30
N ILE A 124 14.14 -6.22 13.02
CA ILE A 124 15.52 -6.01 12.60
C ILE A 124 15.58 -5.26 11.24
N ALA A 125 16.59 -4.43 11.04
CA ALA A 125 16.75 -3.66 9.80
C ALA A 125 18.22 -3.57 9.40
N LEU A 126 18.49 -3.83 8.12
CA LEU A 126 19.81 -3.57 7.56
C LEU A 126 19.99 -2.04 7.49
N ASN A 127 21.09 -1.53 8.04
CA ASN A 127 21.32 -0.09 8.05
C ASN A 127 21.65 0.43 6.64
N GLU A 128 21.62 1.74 6.45
CA GLU A 128 21.88 2.33 5.15
C GLU A 128 23.30 2.03 4.60
N ASP A 129 24.24 1.74 5.50
CA ASP A 129 25.59 1.31 5.11
C ASP A 129 25.62 -0.04 4.39
N LEU A 130 24.52 -0.80 4.49
CA LEU A 130 24.43 -2.16 3.93
C LEU A 130 25.54 -3.05 4.49
N SER A 131 25.87 -2.80 5.75
CA SER A 131 27.02 -3.41 6.39
C SER A 131 26.75 -3.83 7.84
N SER A 132 25.84 -3.13 8.50
CA SER A 132 25.47 -3.43 9.89
C SER A 132 23.94 -3.50 10.07
N TRP A 133 23.50 -3.88 11.28
CA TRP A 133 22.07 -4.11 11.55
C TRP A 133 21.61 -3.32 12.76
N THR A 134 20.33 -2.96 12.77
CA THR A 134 19.68 -2.45 13.99
C THR A 134 18.61 -3.44 14.42
N ALA A 135 18.78 -3.98 15.63
CA ALA A 135 17.81 -4.88 16.27
C ALA A 135 16.96 -4.06 17.23
N ALA A 136 15.67 -4.33 17.28
CA ALA A 136 14.77 -3.50 18.05
C ALA A 136 14.68 -3.92 19.53
N ASP A 137 15.11 -5.14 19.83
CA ASP A 137 14.96 -5.71 21.16
C ASP A 137 15.97 -6.85 21.35
N THR A 138 15.92 -7.50 22.52
CA THR A 138 16.89 -8.56 22.81
C THR A 138 16.70 -9.82 21.96
N ALA A 139 15.47 -10.05 21.47
CA ALA A 139 15.20 -11.19 20.61
C ALA A 139 15.89 -11.00 19.27
N ALA A 140 15.70 -9.82 18.66
CA ALA A 140 16.32 -9.50 17.37
C ALA A 140 17.84 -9.40 17.44
N GLN A 141 18.36 -9.07 18.63
CA GLN A 141 19.81 -9.13 18.88
C GLN A 141 20.35 -10.55 18.70
N ILE A 142 19.54 -11.56 19.01
CA ILE A 142 19.93 -12.95 18.77
C ILE A 142 20.08 -13.19 17.27
N THR A 143 19.08 -12.75 16.50
CA THR A 143 19.15 -12.80 15.03
C THR A 143 20.35 -12.03 14.46
N GLN A 144 20.57 -10.81 14.95
CA GLN A 144 21.73 -10.02 14.55
C GLN A 144 23.05 -10.81 14.71
N ARG A 145 23.23 -11.40 15.90
CA ARG A 145 24.41 -12.21 16.19
C ARG A 145 24.58 -13.32 15.15
N LYS A 146 23.49 -14.01 14.79
CA LYS A 146 23.51 -15.02 13.73
C LYS A 146 23.86 -14.44 12.36
N TRP A 147 23.31 -13.27 12.03
CA TRP A 147 23.53 -12.70 10.72
C TRP A 147 24.91 -12.09 10.60
N GLU A 148 25.40 -11.52 11.68
CA GLU A 148 26.79 -11.07 11.73
C GLU A 148 27.77 -12.21 11.51
N ALA A 149 27.48 -13.38 12.09
CA ALA A 149 28.37 -14.54 11.97
C ALA A 149 28.44 -15.08 10.55
N ALA A 150 27.29 -15.12 9.88
CA ALA A 150 27.17 -15.61 8.50
C ALA A 150 27.41 -14.54 7.41
N ARG A 151 27.86 -13.35 7.82
CA ARG A 151 28.07 -12.23 6.89
C ARG A 151 26.88 -12.01 5.93
N VAL A 152 25.68 -11.95 6.51
CA VAL A 152 24.46 -11.72 5.74
C VAL A 152 24.43 -10.33 5.11
N ALA A 153 24.86 -9.31 5.86
CA ALA A 153 24.91 -7.93 5.33
C ALA A 153 25.65 -7.82 3.98
N GLU A 154 26.79 -8.51 3.90
CA GLU A 154 27.65 -8.50 2.72
C GLU A 154 26.94 -9.12 1.52
N GLN A 155 26.15 -10.16 1.77
CA GLN A 155 25.37 -10.81 0.73
C GLN A 155 24.18 -9.92 0.27
N ASP A 156 23.49 -9.31 1.22
CA ASP A 156 22.43 -8.33 0.86
C ASP A 156 23.01 -7.22 0.00
N ARG A 157 24.19 -6.71 0.40
CA ARG A 157 24.86 -5.63 -0.31
C ARG A 157 25.16 -6.01 -1.77
N ALA A 158 25.65 -7.21 -2.00
CA ALA A 158 25.96 -7.64 -3.36
C ALA A 158 24.68 -7.72 -4.22
N TYR A 159 23.57 -8.17 -3.63
CA TYR A 159 22.28 -8.16 -4.31
C TYR A 159 21.81 -6.74 -4.60
N LEU A 160 21.82 -5.90 -3.56
CA LEU A 160 21.27 -4.56 -3.63
C LEU A 160 22.03 -3.67 -4.60
N GLU A 161 23.35 -3.91 -4.72
CA GLU A 161 24.18 -3.14 -5.66
C GLU A 161 24.28 -3.75 -7.05
N GLY A 162 23.90 -5.03 -7.20
CA GLY A 162 23.94 -5.73 -8.47
C GLY A 162 22.55 -6.00 -9.03
N LEU A 163 22.06 -7.22 -8.82
CA LEU A 163 20.77 -7.69 -9.35
C LEU A 163 19.60 -6.76 -9.08
N CYS A 164 19.53 -6.19 -7.89
CA CYS A 164 18.42 -5.30 -7.57
C CYS A 164 18.34 -4.11 -8.53
N VAL A 165 19.43 -3.38 -8.70
CA VAL A 165 19.44 -2.22 -9.59
C VAL A 165 19.41 -2.62 -11.07
N GLU A 166 20.07 -3.71 -11.43
CA GLU A 166 20.03 -4.16 -12.84
C GLU A 166 18.64 -4.56 -13.29
N SER A 167 17.93 -5.33 -12.46
CA SER A 167 16.61 -5.81 -12.87
C SER A 167 15.61 -4.63 -12.89
N LEU A 168 15.71 -3.74 -11.91
CA LEU A 168 14.87 -2.54 -11.86
C LEU A 168 15.06 -1.66 -13.10
N ARG A 169 16.31 -1.49 -13.53
CA ARG A 169 16.60 -0.76 -14.76
C ARG A 169 15.98 -1.44 -15.99
N ARG A 170 16.07 -2.77 -16.07
CA ARG A 170 15.37 -3.52 -17.13
C ARG A 170 13.85 -3.26 -17.08
N TYR A 171 13.25 -3.34 -15.90
CA TYR A 171 11.81 -3.12 -15.75
C TYR A 171 11.41 -1.71 -16.20
N LEU A 172 12.21 -0.72 -15.80
CA LEU A 172 11.96 0.68 -16.16
C LEU A 172 11.96 0.89 -17.68
N GLU A 173 12.84 0.19 -18.40
CA GLU A 173 12.87 0.22 -19.88
C GLU A 173 11.65 -0.42 -20.52
N ASN A 174 11.40 -1.69 -20.17
CA ASN A 174 10.24 -2.44 -20.67
C ASN A 174 8.88 -1.81 -20.37
N GLY A 175 8.76 -1.16 -19.21
CA GLY A 175 7.50 -0.49 -18.86
C GLY A 175 7.55 1.02 -18.94
N LYS A 176 8.45 1.56 -19.76
CA LYS A 176 8.65 3.02 -19.82
C LYS A 176 7.42 3.83 -20.19
N GLU A 177 6.48 3.21 -20.93
CA GLU A 177 5.25 3.89 -21.35
C GLU A 177 4.39 4.24 -20.15
N THR A 178 4.58 3.52 -19.05
CA THR A 178 3.76 3.68 -17.85
C THR A 178 4.61 4.04 -16.64
N LEU A 179 5.67 3.26 -16.39
CA LEU A 179 6.56 3.47 -15.24
C LEU A 179 7.26 4.83 -15.30
N GLN A 180 7.59 5.27 -16.50
CA GLN A 180 8.25 6.54 -16.69
C GLN A 180 7.26 7.63 -17.17
N ARG A 181 5.97 7.42 -16.94
CA ARG A 181 4.96 8.46 -17.25
C ARG A 181 4.23 8.92 -15.99
N ALA A 182 4.38 10.20 -15.67
CA ALA A 182 3.65 10.81 -14.58
C ALA A 182 2.33 11.37 -15.10
N ASP A 183 1.22 10.96 -14.47
CA ASP A 183 -0.11 11.51 -14.79
C ASP A 183 -0.49 12.57 -13.74
N PRO A 184 -0.62 13.84 -14.18
CA PRO A 184 -0.90 14.95 -13.25
C PRO A 184 -2.33 14.85 -12.75
N PRO A 185 -2.61 15.37 -11.55
CA PRO A 185 -3.96 15.29 -11.04
C PRO A 185 -4.90 16.24 -11.78
N LYS A 186 -6.15 15.83 -11.96
CA LYS A 186 -7.22 16.74 -12.32
C LYS A 186 -7.77 17.32 -11.01
N THR A 187 -7.88 18.64 -10.95
CA THR A 187 -8.23 19.32 -9.71
C THR A 187 -9.48 20.20 -9.82
N HIS A 188 -10.26 20.21 -8.73
CA HIS A 188 -11.34 21.17 -8.56
C HIS A 188 -11.68 21.36 -7.09
N VAL A 189 -12.38 22.45 -6.81
CA VAL A 189 -12.84 22.81 -5.48
C VAL A 189 -14.36 22.67 -5.47
N THR A 190 -14.88 21.93 -4.49
CA THR A 190 -16.33 21.89 -4.27
C THR A 190 -16.74 22.67 -3.02
N HIS A 191 -18.02 23.02 -2.96
CA HIS A 191 -18.54 23.95 -1.98
C HIS A 191 -19.84 23.30 -1.45
N HIS A 192 -19.83 22.91 -0.18
CA HIS A 192 -21.02 22.35 0.49
C HIS A 192 -21.31 23.20 1.73
N PRO A 193 -22.37 24.04 1.68
CA PRO A 193 -22.75 24.71 2.91
C PRO A 193 -23.23 23.69 3.94
N ILE A 194 -22.80 23.84 5.19
CA ILE A 194 -23.27 22.94 6.23
C ILE A 194 -24.33 23.63 7.11
N SER A 195 -24.25 24.95 7.18
CA SER A 195 -25.20 25.76 7.95
C SER A 195 -25.25 27.15 7.36
N ASP A 196 -26.02 28.05 7.97
CA ASP A 196 -26.10 29.43 7.47
C ASP A 196 -24.75 30.17 7.53
N HIS A 197 -23.87 29.77 8.46
CA HIS A 197 -22.62 30.50 8.67
C HIS A 197 -21.30 29.70 8.57
N GLU A 198 -21.37 28.47 8.05
CA GLU A 198 -20.20 27.62 7.82
C GLU A 198 -20.37 26.80 6.54
N VAL A 199 -19.30 26.72 5.75
CA VAL A 199 -19.31 25.93 4.49
C VAL A 199 -18.05 25.04 4.37
N THR A 200 -18.22 23.87 3.76
CA THR A 200 -17.11 22.97 3.51
C THR A 200 -16.54 23.21 2.12
N LEU A 201 -15.25 23.55 2.06
CA LEU A 201 -14.57 23.63 0.78
C LEU A 201 -13.71 22.38 0.69
N ARG A 202 -13.89 21.61 -0.39
CA ARG A 202 -13.14 20.37 -0.58
C ARG A 202 -12.33 20.44 -1.85
N CYS A 203 -11.02 20.24 -1.71
CA CYS A 203 -10.09 20.31 -2.83
C CYS A 203 -9.75 18.90 -3.28
N TRP A 204 -10.11 18.60 -4.52
CA TRP A 204 -9.93 17.26 -5.10
C TRP A 204 -8.71 17.14 -6.02
N ALA A 205 -8.03 15.99 -5.94
CA ALA A 205 -7.05 15.59 -6.94
C ALA A 205 -7.37 14.17 -7.38
N LEU A 206 -7.62 14.00 -8.68
CA LEU A 206 -8.06 12.71 -9.25
C LEU A 206 -7.17 12.25 -10.42
N GLY A 207 -7.05 10.94 -10.57
CA GLY A 207 -6.37 10.35 -11.73
C GLY A 207 -4.87 10.62 -11.82
N PHE A 208 -4.22 10.78 -10.69
CA PHE A 208 -2.79 11.04 -10.69
C PHE A 208 -1.92 9.81 -10.38
N TYR A 209 -0.71 9.82 -10.96
CA TYR A 209 0.30 8.79 -10.80
C TYR A 209 1.65 9.46 -10.91
N PRO A 210 2.59 9.15 -9.98
CA PRO A 210 2.51 8.22 -8.85
C PRO A 210 1.73 8.78 -7.66
N ALA A 211 1.67 8.03 -6.55
CA ALA A 211 0.81 8.39 -5.39
C ALA A 211 1.18 9.68 -4.65
N GLU A 212 2.48 9.98 -4.61
CA GLU A 212 2.99 11.12 -3.84
C GLU A 212 2.37 12.42 -4.33
N ILE A 213 1.83 13.20 -3.39
CA ILE A 213 1.17 14.47 -3.69
C ILE A 213 1.07 15.32 -2.42
N THR A 214 0.97 16.62 -2.58
CA THR A 214 0.68 17.50 -1.45
C THR A 214 -0.47 18.38 -1.79
N LEU A 215 -1.48 18.33 -0.92
CA LEU A 215 -2.66 19.19 -0.98
C LEU A 215 -2.73 19.97 0.33
N THR A 216 -2.76 21.30 0.21
CA THR A 216 -2.80 22.16 1.37
C THR A 216 -3.78 23.28 1.12
N TRP A 217 -4.55 23.65 2.16
CA TRP A 217 -5.37 24.83 2.14
C TRP A 217 -4.65 25.95 2.88
N GLN A 218 -4.71 27.15 2.32
CA GLN A 218 -4.24 28.35 3.00
C GLN A 218 -5.39 29.33 3.19
N ARG A 219 -5.39 30.01 4.33
CA ARG A 219 -6.31 31.11 4.58
C ARG A 219 -5.47 32.37 4.63
N ASP A 220 -5.74 33.32 3.73
CA ASP A 220 -4.96 34.57 3.66
C ASP A 220 -3.47 34.28 3.47
N GLY A 221 -3.18 33.21 2.74
CA GLY A 221 -1.82 32.75 2.48
C GLY A 221 -1.17 31.97 3.61
N GLU A 222 -1.96 31.64 4.64
CA GLU A 222 -1.43 30.87 5.78
C GLU A 222 -1.94 29.42 5.80
N ASP A 223 -0.99 28.47 5.83
CA ASP A 223 -1.31 27.03 5.91
C ASP A 223 -2.27 26.74 7.06
N GLN A 224 -3.35 26.03 6.74
CA GLN A 224 -4.37 25.69 7.73
C GLN A 224 -4.21 24.25 8.16
N THR A 225 -2.97 23.88 8.48
CA THR A 225 -2.63 22.46 8.66
C THR A 225 -3.51 21.82 9.71
N GLN A 226 -3.60 22.48 10.86
CA GLN A 226 -4.40 22.01 11.98
C GLN A 226 -5.90 21.95 11.69
N ASP A 227 -6.39 22.83 10.81
CA ASP A 227 -7.81 22.91 10.48
C ASP A 227 -8.24 22.16 9.21
N THR A 228 -7.27 21.59 8.51
CA THR A 228 -7.52 20.81 7.30
C THR A 228 -7.86 19.35 7.62
N GLU A 229 -8.91 18.83 6.99
CA GLU A 229 -9.18 17.40 7.01
C GLU A 229 -8.60 16.77 5.74
N LEU A 230 -7.62 15.88 5.92
CA LEU A 230 -6.97 15.20 4.80
C LEU A 230 -7.33 13.72 4.78
N VAL A 231 -7.83 13.21 3.67
CA VAL A 231 -7.98 11.75 3.56
C VAL A 231 -6.70 11.12 3.04
N GLU A 232 -6.48 9.87 3.42
CA GLU A 232 -5.32 9.12 2.96
C GLU A 232 -5.44 8.94 1.44
N THR A 233 -4.33 9.12 0.73
CA THR A 233 -4.30 8.85 -0.70
C THR A 233 -4.83 7.43 -0.93
N ARG A 234 -5.74 7.27 -1.89
CA ARG A 234 -6.46 6.02 -2.12
C ARG A 234 -6.35 5.62 -3.59
N PRO A 235 -6.28 4.30 -3.87
CA PRO A 235 -6.16 3.94 -5.27
C PRO A 235 -7.52 3.94 -5.96
N ALA A 236 -7.54 4.49 -7.18
CA ALA A 236 -8.74 4.51 -8.02
C ALA A 236 -9.09 3.13 -8.58
N GLY A 237 -8.07 2.32 -8.80
CA GLY A 237 -8.23 0.95 -9.29
C GLY A 237 -7.78 0.80 -10.72
N ASP A 238 -7.31 1.89 -11.33
CA ASP A 238 -6.88 1.88 -12.74
C ASP A 238 -5.40 2.31 -12.87
N ARG A 239 -4.68 2.13 -11.76
CA ARG A 239 -3.26 2.49 -11.56
C ARG A 239 -3.10 3.85 -10.88
N THR A 240 -4.13 4.70 -10.99
CA THR A 240 -4.05 6.07 -10.48
C THR A 240 -4.59 6.21 -9.08
N PHE A 241 -4.38 7.38 -8.49
CA PHE A 241 -4.71 7.61 -7.11
C PHE A 241 -5.62 8.81 -7.01
N GLN A 242 -6.29 8.95 -5.87
CA GLN A 242 -7.16 10.08 -5.56
C GLN A 242 -6.81 10.60 -4.17
N LYS A 243 -7.05 11.90 -3.95
CA LYS A 243 -6.91 12.47 -2.62
C LYS A 243 -7.83 13.68 -2.53
N TRP A 244 -8.25 14.01 -1.31
CA TRP A 244 -8.85 15.31 -1.05
C TRP A 244 -8.46 15.95 0.28
N ALA A 245 -8.61 17.27 0.30
CA ALA A 245 -8.40 18.07 1.51
C ALA A 245 -9.61 18.95 1.69
N ALA A 246 -10.04 19.14 2.93
CA ALA A 246 -11.22 19.95 3.18
C ALA A 246 -11.03 20.88 4.36
N VAL A 247 -11.70 22.02 4.30
CA VAL A 247 -11.78 22.96 5.41
C VAL A 247 -13.20 23.48 5.59
N VAL A 248 -13.55 23.75 6.84
CA VAL A 248 -14.82 24.38 7.15
C VAL A 248 -14.57 25.88 7.31
N VAL A 249 -15.19 26.69 6.45
CA VAL A 249 -14.90 28.13 6.40
C VAL A 249 -16.16 28.95 6.72
N PRO A 250 -15.97 30.15 7.33
CA PRO A 250 -17.12 31.03 7.55
C PRO A 250 -17.79 31.44 6.25
N SER A 251 -19.11 31.45 6.25
CA SER A 251 -19.88 31.91 5.11
C SER A 251 -19.45 33.32 4.77
N GLY A 252 -19.21 33.58 3.48
CA GLY A 252 -18.76 34.89 3.04
C GLY A 252 -17.24 35.03 2.98
N GLU A 253 -16.51 34.03 3.49
CA GLU A 253 -15.04 34.08 3.52
C GLU A 253 -14.34 33.11 2.55
N GLU A 254 -15.11 32.45 1.69
CA GLU A 254 -14.59 31.44 0.76
C GLU A 254 -13.38 31.89 -0.07
N GLN A 255 -13.41 33.12 -0.56
CA GLN A 255 -12.36 33.63 -1.43
C GLN A 255 -11.04 33.96 -0.71
N ARG A 256 -11.01 33.86 0.62
CA ARG A 256 -9.75 34.05 1.33
C ARG A 256 -8.94 32.74 1.37
N TYR A 257 -9.52 31.68 0.81
CA TYR A 257 -8.97 30.34 0.86
C TYR A 257 -8.47 29.89 -0.51
N THR A 258 -7.25 29.38 -0.55
CA THR A 258 -6.70 28.85 -1.78
C THR A 258 -6.19 27.44 -1.54
N CYS A 259 -6.50 26.54 -2.46
CA CYS A 259 -5.96 25.20 -2.41
C CYS A 259 -4.67 25.13 -3.22
N HIS A 260 -3.65 24.51 -2.63
CA HIS A 260 -2.37 24.34 -3.29
C HIS A 260 -2.04 22.88 -3.57
N VAL A 261 -1.66 22.60 -4.83
CA VAL A 261 -1.43 21.25 -5.32
C VAL A 261 -0.01 21.07 -5.89
N GLN A 262 0.75 20.17 -5.29
CA GLN A 262 2.08 19.78 -5.81
C GLN A 262 2.12 18.32 -6.18
N HIS A 263 2.64 18.05 -7.37
CA HIS A 263 2.73 16.70 -7.89
C HIS A 263 3.73 16.72 -9.03
N GLU A 264 4.53 15.67 -9.16
CA GLU A 264 5.60 15.64 -10.16
C GLU A 264 5.12 15.65 -11.61
N GLY A 265 3.84 15.34 -11.83
CA GLY A 265 3.21 15.46 -13.15
C GLY A 265 2.91 16.91 -13.55
N LEU A 266 2.99 17.84 -12.61
CA LEU A 266 2.73 19.25 -12.88
C LEU A 266 4.01 20.05 -13.17
N PRO A 267 4.00 20.94 -14.18
CA PRO A 267 5.16 21.82 -14.41
C PRO A 267 5.44 22.70 -13.19
N LYS A 268 4.39 23.29 -12.62
CA LYS A 268 4.53 24.08 -11.40
C LYS A 268 3.39 23.76 -10.43
N PRO A 269 3.54 24.10 -9.13
CA PRO A 269 2.44 23.91 -8.18
C PRO A 269 1.17 24.67 -8.59
N LEU A 270 0.03 24.06 -8.35
CA LEU A 270 -1.26 24.65 -8.67
C LEU A 270 -1.90 25.37 -7.47
N THR A 271 -2.45 26.55 -7.75
CA THR A 271 -3.30 27.26 -6.82
C THR A 271 -4.75 27.20 -7.36
N LEU A 272 -5.67 26.74 -6.52
CA LEU A 272 -7.11 26.73 -6.83
C LEU A 272 -7.91 27.52 -5.79
N ARG A 273 -9.04 28.06 -6.24
CA ARG A 273 -10.03 28.72 -5.38
C ARG A 273 -11.42 28.22 -5.80
N TRP A 274 -12.38 28.35 -4.89
CA TRP A 274 -13.78 28.06 -5.21
C TRP A 274 -14.22 29.00 -6.34
N GLU A 275 -14.61 28.41 -7.48
CA GLU A 275 -15.09 29.16 -8.65
C GLU A 275 -16.63 29.19 -8.65
N PRO A 276 -17.23 30.22 -8.01
CA PRO A 276 -18.67 30.26 -7.73
C PRO A 276 -19.52 30.06 -8.99
N ILE B 1 -0.99 -5.85 20.20
CA ILE B 1 -0.62 -4.86 19.13
C ILE B 1 -1.54 -4.96 17.92
N GLN B 2 -2.68 -4.30 18.03
CA GLN B 2 -3.73 -4.39 17.03
C GLN B 2 -4.14 -3.01 16.56
N ARG B 3 -4.43 -2.87 15.28
CA ARG B 3 -4.79 -1.58 14.73
C ARG B 3 -6.04 -1.70 13.89
N THR B 4 -6.98 -0.80 14.13
CA THR B 4 -8.30 -0.86 13.53
C THR B 4 -8.23 -0.26 12.12
N PRO B 5 -8.95 -0.88 11.14
CA PRO B 5 -8.90 -0.36 9.77
C PRO B 5 -9.57 0.98 9.60
N LYS B 6 -8.92 1.82 8.81
CA LYS B 6 -9.54 3.00 8.23
C LYS B 6 -10.33 2.51 7.03
N ILE B 7 -11.45 3.16 6.74
CA ILE B 7 -12.35 2.68 5.68
C ILE B 7 -12.73 3.84 4.76
N GLN B 8 -12.51 3.69 3.46
CA GLN B 8 -13.04 4.68 2.51
C GLN B 8 -13.90 4.03 1.45
N VAL B 9 -15.08 4.60 1.23
CA VAL B 9 -16.02 4.11 0.21
C VAL B 9 -16.21 5.19 -0.83
N TYR B 10 -16.01 4.85 -2.09
CA TYR B 10 -15.93 5.86 -3.14
C TYR B 10 -15.92 5.19 -4.50
N SER B 11 -16.17 5.98 -5.55
CA SER B 11 -16.11 5.44 -6.90
C SER B 11 -14.82 5.76 -7.64
N ARG B 12 -14.48 4.92 -8.62
CA ARG B 12 -13.34 5.17 -9.49
C ARG B 12 -13.45 6.49 -10.23
N HIS B 13 -14.64 6.74 -10.82
CA HIS B 13 -14.91 7.97 -11.56
C HIS B 13 -15.97 8.76 -10.82
N PRO B 14 -16.02 10.10 -11.00
CA PRO B 14 -17.12 10.85 -10.39
C PRO B 14 -18.47 10.19 -10.73
N ALA B 15 -19.40 10.19 -9.78
CA ALA B 15 -20.65 9.44 -9.94
C ALA B 15 -21.63 10.14 -10.87
N GLU B 16 -22.15 9.37 -11.82
CA GLU B 16 -23.22 9.81 -12.70
C GLU B 16 -24.34 8.78 -12.69
N ASN B 17 -25.55 9.18 -12.30
CA ASN B 17 -26.70 8.26 -12.33
C ASN B 17 -26.91 7.64 -13.71
N GLY B 18 -26.99 6.31 -13.74
CA GLY B 18 -27.15 5.58 -14.99
C GLY B 18 -25.87 5.23 -15.75
N LYS B 19 -24.75 5.84 -15.38
CA LYS B 19 -23.46 5.52 -16.00
C LYS B 19 -22.70 4.45 -15.19
N SER B 20 -22.20 3.45 -15.90
CA SER B 20 -21.40 2.38 -15.30
C SER B 20 -20.05 2.89 -14.77
N ASN B 21 -19.68 2.36 -13.59
CA ASN B 21 -18.58 2.87 -12.76
C ASN B 21 -17.99 1.71 -11.94
N PHE B 22 -16.99 2.00 -11.10
CA PHE B 22 -16.52 1.02 -10.10
C PHE B 22 -16.72 1.54 -8.69
N LEU B 23 -17.27 0.69 -7.82
CA LEU B 23 -17.41 1.03 -6.42
C LEU B 23 -16.22 0.44 -5.66
N ASN B 24 -15.53 1.27 -4.88
CA ASN B 24 -14.35 0.87 -4.12
C ASN B 24 -14.56 0.96 -2.62
N CYS B 25 -14.03 -0.04 -1.92
CA CYS B 25 -13.78 0.03 -0.48
C CYS B 25 -12.31 -0.23 -0.23
N TYR B 26 -11.63 0.81 0.26
CA TYR B 26 -10.22 0.74 0.56
C TYR B 26 -10.05 0.68 2.06
N VAL B 27 -9.46 -0.41 2.53
CA VAL B 27 -9.24 -0.57 3.95
C VAL B 27 -7.75 -0.55 4.19
N SER B 28 -7.32 0.21 5.19
CA SER B 28 -5.88 0.49 5.40
C SER B 28 -5.58 0.74 6.87
N GLY B 29 -4.30 0.77 7.21
CA GLY B 29 -3.87 1.13 8.57
C GLY B 29 -4.10 0.05 9.61
N PHE B 30 -4.43 -1.15 9.16
CA PHE B 30 -4.85 -2.19 10.09
C PHE B 30 -3.78 -3.26 10.33
N HIS B 31 -3.92 -3.95 11.46
CA HIS B 31 -3.02 -5.07 11.87
C HIS B 31 -3.74 -5.83 12.99
N PRO B 32 -3.80 -7.18 12.95
CA PRO B 32 -3.31 -8.16 11.96
C PRO B 32 -4.04 -8.11 10.61
N SER B 33 -3.72 -9.07 9.74
CA SER B 33 -4.10 -8.98 8.33
C SER B 33 -5.47 -9.56 7.99
N ASP B 34 -5.97 -10.48 8.80
CA ASP B 34 -7.28 -11.06 8.56
C ASP B 34 -8.35 -9.98 8.68
N ILE B 35 -9.22 -9.91 7.69
CA ILE B 35 -10.25 -8.90 7.64
C ILE B 35 -11.40 -9.38 6.74
N GLU B 36 -12.62 -9.03 7.10
CA GLU B 36 -13.80 -9.38 6.31
C GLU B 36 -14.35 -8.10 5.73
N VAL B 37 -14.49 -8.04 4.41
CA VAL B 37 -15.05 -6.87 3.75
C VAL B 37 -16.13 -7.28 2.76
N ASP B 38 -17.32 -6.70 2.92
CA ASP B 38 -18.42 -6.85 1.95
C ASP B 38 -18.80 -5.52 1.37
N LEU B 39 -19.08 -5.51 0.08
CA LEU B 39 -19.76 -4.38 -0.54
C LEU B 39 -21.26 -4.68 -0.54
N LEU B 40 -22.03 -3.67 -0.15
CA LEU B 40 -23.50 -3.77 -0.04
C LEU B 40 -24.28 -2.87 -1.01
N LYS B 41 -25.37 -3.43 -1.55
CA LYS B 41 -26.32 -2.71 -2.38
C LYS B 41 -27.69 -2.82 -1.72
N ASN B 42 -28.21 -1.72 -1.19
CA ASN B 42 -29.44 -1.72 -0.39
C ASN B 42 -29.43 -2.81 0.70
N GLY B 43 -28.41 -2.78 1.55
CA GLY B 43 -28.27 -3.74 2.63
C GLY B 43 -27.81 -5.15 2.27
N GLU B 44 -27.80 -5.48 0.98
CA GLU B 44 -27.53 -6.85 0.55
C GLU B 44 -26.16 -7.02 -0.10
N ARG B 45 -25.54 -8.19 0.15
CA ARG B 45 -24.17 -8.48 -0.28
C ARG B 45 -23.99 -8.58 -1.81
N ILE B 46 -23.15 -7.72 -2.36
CA ILE B 46 -22.82 -7.82 -3.78
C ILE B 46 -21.92 -9.05 -3.98
N GLU B 47 -22.26 -9.88 -4.94
CA GLU B 47 -21.52 -11.13 -5.17
C GLU B 47 -20.31 -10.90 -6.07
N LYS B 48 -19.28 -11.71 -5.87
CA LYS B 48 -18.07 -11.69 -6.72
C LYS B 48 -17.39 -10.30 -6.75
N VAL B 49 -17.37 -9.65 -5.59
CA VAL B 49 -16.49 -8.54 -5.30
C VAL B 49 -15.04 -9.03 -5.45
N GLU B 50 -14.17 -8.21 -6.03
CA GLU B 50 -12.76 -8.54 -6.08
C GLU B 50 -11.92 -7.67 -5.16
N HIS B 51 -10.70 -8.11 -4.89
CA HIS B 51 -9.78 -7.33 -4.05
C HIS B 51 -8.34 -7.50 -4.50
N SER B 52 -7.55 -6.49 -4.18
CA SER B 52 -6.12 -6.46 -4.46
C SER B 52 -5.32 -7.47 -3.62
N ASP B 53 -4.06 -7.69 -3.99
CA ASP B 53 -3.14 -8.57 -3.26
C ASP B 53 -2.68 -7.89 -1.96
N LEU B 54 -2.64 -8.63 -0.86
CA LEU B 54 -2.27 -8.05 0.44
C LEU B 54 -0.93 -7.31 0.37
N SER B 55 -0.96 -6.06 0.84
N SER B 55 -0.92 -6.05 0.80
CA SER B 55 0.21 -5.19 0.87
CA SER B 55 0.31 -5.28 0.94
C SER B 55 0.26 -4.45 2.20
C SER B 55 0.28 -4.47 2.21
N PHE B 56 1.35 -3.71 2.45
CA PHE B 56 1.46 -2.94 3.67
C PHE B 56 2.31 -1.68 3.49
N SER B 57 2.08 -0.69 4.34
CA SER B 57 2.76 0.60 4.27
C SER B 57 4.05 0.55 5.08
N LYS B 58 4.79 1.67 5.09
CA LYS B 58 6.09 1.76 5.79
C LYS B 58 5.97 1.47 7.29
N ASP B 59 4.78 1.70 7.84
CA ASP B 59 4.54 1.45 9.26
C ASP B 59 4.05 0.01 9.53
N TRP B 60 4.24 -0.85 8.53
CA TRP B 60 3.84 -2.28 8.57
C TRP B 60 2.31 -2.53 8.55
N SER B 61 1.52 -1.46 8.57
CA SER B 61 0.07 -1.66 8.60
C SER B 61 -0.45 -2.01 7.21
N PHE B 62 -1.43 -2.91 7.16
CA PHE B 62 -1.86 -3.51 5.90
C PHE B 62 -2.85 -2.64 5.16
N TYR B 63 -2.97 -2.88 3.84
CA TYR B 63 -4.01 -2.24 3.03
C TYR B 63 -4.53 -3.12 1.88
N LEU B 64 -5.82 -2.97 1.61
CA LEU B 64 -6.52 -3.74 0.58
C LEU B 64 -7.59 -2.87 -0.08
N LEU B 65 -7.73 -3.04 -1.39
CA LEU B 65 -8.81 -2.44 -2.14
C LEU B 65 -9.82 -3.52 -2.56
N TYR B 66 -11.08 -3.37 -2.13
CA TYR B 66 -12.18 -4.21 -2.60
C TYR B 66 -13.05 -3.41 -3.55
N TYR B 67 -13.45 -4.03 -4.64
CA TYR B 67 -14.13 -3.31 -5.72
C TYR B 67 -15.08 -4.19 -6.55
N THR B 68 -16.06 -3.53 -7.15
CA THR B 68 -17.00 -4.18 -8.05
C THR B 68 -17.53 -3.16 -9.04
N GLU B 69 -17.86 -3.61 -10.25
CA GLU B 69 -18.55 -2.76 -11.21
C GLU B 69 -19.93 -2.40 -10.66
N PHE B 70 -20.40 -1.19 -10.95
CA PHE B 70 -21.72 -0.79 -10.52
C PHE B 70 -22.28 0.37 -11.35
N THR B 71 -23.61 0.50 -11.35
CA THR B 71 -24.26 1.63 -12.02
C THR B 71 -25.07 2.37 -10.96
N PRO B 72 -24.53 3.50 -10.45
CA PRO B 72 -25.23 4.24 -9.40
C PRO B 72 -26.53 4.83 -9.92
N THR B 73 -27.49 5.00 -9.02
CA THR B 73 -28.74 5.70 -9.31
C THR B 73 -29.05 6.62 -8.15
N GLU B 74 -30.21 7.28 -8.18
CA GLU B 74 -30.61 8.22 -7.14
C GLU B 74 -31.04 7.49 -5.86
N LYS B 75 -31.75 6.39 -6.05
CA LYS B 75 -32.39 5.66 -4.96
C LYS B 75 -31.61 4.43 -4.43
N ASP B 76 -30.67 3.90 -5.20
CA ASP B 76 -29.87 2.76 -4.73
C ASP B 76 -28.81 3.20 -3.71
N GLU B 77 -28.82 2.55 -2.55
CA GLU B 77 -27.85 2.84 -1.50
C GLU B 77 -26.69 1.84 -1.55
N TYR B 78 -25.48 2.35 -1.35
CA TYR B 78 -24.27 1.54 -1.34
C TYR B 78 -23.48 1.71 -0.05
N ALA B 79 -22.86 0.61 0.39
CA ALA B 79 -22.09 0.59 1.63
C ALA B 79 -21.00 -0.47 1.61
N CYS B 80 -19.99 -0.25 2.44
CA CYS B 80 -18.97 -1.23 2.69
C CYS B 80 -19.10 -1.69 4.15
N ARG B 81 -19.10 -3.00 4.37
CA ARG B 81 -19.18 -3.55 5.73
C ARG B 81 -17.90 -4.29 6.06
N VAL B 82 -17.25 -3.92 7.16
CA VAL B 82 -15.91 -4.42 7.50
C VAL B 82 -15.89 -5.07 8.88
N ASN B 83 -15.36 -6.29 8.97
CA ASN B 83 -15.07 -6.87 10.29
C ASN B 83 -13.59 -7.21 10.45
N HIS B 84 -13.11 -7.07 11.69
CA HIS B 84 -11.70 -7.20 12.05
C HIS B 84 -11.65 -7.49 13.55
N VAL B 85 -10.55 -8.10 14.02
CA VAL B 85 -10.46 -8.47 15.44
C VAL B 85 -10.60 -7.24 16.37
N THR B 86 -10.27 -6.05 15.86
CA THR B 86 -10.35 -4.80 16.66
C THR B 86 -11.77 -4.22 16.78
N LEU B 87 -12.75 -4.86 16.15
CA LEU B 87 -14.12 -4.35 16.20
C LEU B 87 -15.04 -5.38 16.85
N SER B 88 -15.77 -4.95 17.88
CA SER B 88 -16.79 -5.79 18.53
C SER B 88 -17.92 -6.21 17.58
N GLN B 89 -18.23 -5.34 16.61
CA GLN B 89 -19.26 -5.63 15.61
C GLN B 89 -18.86 -5.09 14.23
N PRO B 90 -19.34 -5.73 13.13
CA PRO B 90 -19.01 -5.25 11.79
C PRO B 90 -19.38 -3.79 11.62
N LYS B 91 -18.48 -3.02 11.03
CA LYS B 91 -18.63 -1.58 10.87
C LYS B 91 -19.15 -1.31 9.46
N ILE B 92 -20.22 -0.54 9.34
CA ILE B 92 -20.81 -0.24 8.04
C ILE B 92 -20.52 1.20 7.65
N VAL B 93 -19.91 1.41 6.49
CA VAL B 93 -19.67 2.76 6.01
C VAL B 93 -20.42 2.92 4.70
N LYS B 94 -21.30 3.92 4.66
CA LYS B 94 -22.20 4.13 3.53
C LYS B 94 -21.51 4.99 2.44
N TRP B 95 -21.73 4.63 1.18
CA TRP B 95 -21.15 5.40 0.08
C TRP B 95 -21.77 6.78 0.01
N ASP B 96 -20.91 7.79 0.02
CA ASP B 96 -21.32 9.18 -0.17
C ASP B 96 -20.59 9.69 -1.42
N ARG B 97 -21.36 10.01 -2.47
CA ARG B 97 -20.78 10.34 -3.78
C ARG B 97 -19.94 11.62 -3.78
N ASP B 98 -19.94 12.33 -2.66
CA ASP B 98 -19.14 13.55 -2.50
C ASP B 98 -17.93 13.33 -1.59
N MET B 99 -17.53 12.08 -1.41
CA MET B 99 -16.41 11.80 -0.53
C MET B 99 -15.42 10.73 -1.04
N GLU C 1 13.65 -8.44 -9.87
CA GLU C 1 14.09 -9.82 -9.45
C GLU C 1 14.48 -9.88 -7.98
N GLU C 2 13.94 -10.91 -7.32
CA GLU C 2 14.16 -11.19 -5.90
C GLU C 2 15.61 -11.63 -5.61
N PHE C 3 16.00 -11.48 -4.35
CA PHE C 3 17.21 -12.07 -3.85
C PHE C 3 16.91 -13.52 -3.46
N GLY C 4 17.64 -14.45 -4.04
CA GLY C 4 17.42 -15.89 -3.81
C GLY C 4 17.84 -16.39 -2.42
N ALA C 5 18.69 -15.64 -1.74
CA ALA C 5 19.12 -16.05 -0.41
C ALA C 5 18.27 -15.37 0.65
N ALA C 6 17.65 -16.17 1.51
CA ALA C 6 17.00 -15.65 2.73
C ALA C 6 17.48 -16.43 3.95
N PHE C 7 17.72 -15.72 5.05
CA PHE C 7 18.39 -16.29 6.20
C PHE C 7 17.48 -16.42 7.41
N SER C 8 17.71 -17.48 8.19
CA SER C 8 16.89 -17.80 9.37
C SER C 8 17.08 -16.78 10.48
N PHE C 9 15.99 -16.51 11.21
CA PHE C 9 16.01 -15.65 12.40
C PHE C 9 16.84 -16.31 13.48
#